data_9NM3
#
_entry.id   9NM3
#
_cell.length_a   42.832
_cell.length_b   43.600
_cell.length_c   253.278
_cell.angle_alpha   90.000
_cell.angle_beta   90.000
_cell.angle_gamma   90.000
#
_symmetry.space_group_name_H-M   'P 21 2 21'
#
loop_
_entity.id
_entity.type
_entity.pdbx_description
1 polymer 'Fem-3 mRNA-binding factor 1'
2 polymer "RNA (5'-R(*CP*UP*GP*UP*GP*AP*AP*UP*G)-3')"
3 water water
#
loop_
_entity_poly.entity_id
_entity_poly.type
_entity_poly.pdbx_seq_one_letter_code
_entity_poly.pdbx_strand_id
1 'polypeptide(L)'
;SSNNVLPTWSLDSNGEMRSRLSLSEVLDSGDLMKFAVDKTGCQFLEKAVKGSLTSYQKFQLFEQVIGRKDDFLKLSTNIF
GNYFVQEIIGMSLTTYDDDNIKRQEKLKNFISSQMTDMCLDKFACRVIQSSLQNMDLSLACKLVQALPRDARLIAICVDQ
NANHVIQKVVAVIPLKNWEFIVDFVATPEHLRQICFDKYGCRVVQTIIEKLTADSINVDLTSAAQHLRERALQRLMTSVT
NRCQELATNEYANYIIQHIVSNDDLAVYRECIIEKCLMRNLLSLSQEKFASHVVEKAFLHAPMELLAEMMDEIFDGYMPH
PGTGKDALDIMMFHQFGNYVVQCMLTICCDAVSGRRQTKEGSYDHANSFQVWLKKLHSRVTKERHRLSRFSSGKKMIETL
AHLRSTHPIYGLQSSGHESFKTDCFSTASEHDGLELEKNGIEEGNLRLMRTFSP
;
A
2 'polyribonucleotide' CUGUGAAUG B
#
# COMPACT_ATOMS: atom_id res chain seq x y z
N ASN A 4 -8.86 30.43 -23.67
CA ASN A 4 -8.49 29.16 -24.28
C ASN A 4 -7.20 29.31 -25.08
N VAL A 5 -6.64 28.18 -25.51
CA VAL A 5 -5.41 28.14 -26.28
C VAL A 5 -5.63 27.55 -27.68
N LEU A 6 -6.86 27.64 -28.17
CA LEU A 6 -7.19 27.04 -29.45
C LEU A 6 -6.62 27.85 -30.61
N PRO A 7 -6.34 27.21 -31.75
CA PRO A 7 -5.83 27.96 -32.90
C PRO A 7 -6.89 28.87 -33.48
N THR A 8 -6.42 29.90 -34.18
CA THR A 8 -7.31 30.93 -34.70
C THR A 8 -8.27 30.38 -35.76
N TRP A 9 -7.83 29.41 -36.57
CA TRP A 9 -8.68 28.90 -37.63
C TRP A 9 -9.95 28.24 -37.10
N SER A 10 -9.94 27.77 -35.85
CA SER A 10 -11.07 27.02 -35.30
C SER A 10 -11.94 27.86 -34.37
N LEU A 11 -11.84 29.18 -34.46
CA LEU A 11 -12.59 30.08 -33.58
C LEU A 11 -13.59 30.89 -34.38
N ASP A 12 -14.73 31.17 -33.75
CA ASP A 12 -15.76 32.00 -34.36
C ASP A 12 -15.45 33.48 -34.10
N SER A 13 -16.39 34.36 -34.44
CA SER A 13 -16.17 35.80 -34.29
C SER A 13 -16.23 36.26 -32.84
N ASN A 14 -16.58 35.39 -31.90
CA ASN A 14 -16.55 35.73 -30.48
C ASN A 14 -15.31 35.19 -29.78
N GLY A 15 -14.39 34.55 -30.50
CA GLY A 15 -13.20 33.99 -29.90
C GLY A 15 -13.39 32.62 -29.27
N GLU A 16 -14.54 31.99 -29.46
CA GLU A 16 -14.83 30.68 -28.90
C GLU A 16 -14.76 29.62 -29.98
N MET A 17 -14.77 28.36 -29.53
CA MET A 17 -14.65 27.25 -30.47
C MET A 17 -15.91 27.15 -31.33
N ARG A 18 -15.70 26.88 -32.62
CA ARG A 18 -16.82 26.81 -33.55
C ARG A 18 -17.73 25.63 -33.23
N SER A 19 -19.01 25.79 -33.55
CA SER A 19 -19.99 24.75 -33.23
C SER A 19 -19.98 23.63 -34.27
N ARG A 20 -19.83 23.98 -35.55
CA ARG A 20 -19.79 22.98 -36.62
C ARG A 20 -18.33 22.63 -36.91
N LEU A 21 -17.77 21.79 -36.04
CA LEU A 21 -16.40 21.34 -36.17
C LEU A 21 -16.38 19.81 -36.14
N SER A 22 -15.56 19.22 -37.00
CA SER A 22 -15.46 17.78 -37.12
C SER A 22 -14.06 17.32 -36.70
N LEU A 23 -13.96 16.02 -36.38
CA LEU A 23 -12.68 15.45 -35.97
C LEU A 23 -11.68 15.47 -37.11
N SER A 24 -12.14 15.22 -38.34
CA SER A 24 -11.24 15.17 -39.48
C SER A 24 -10.60 16.53 -39.75
N GLU A 25 -11.32 17.63 -39.52
CA GLU A 25 -10.72 18.95 -39.70
C GLU A 25 -9.59 19.18 -38.69
N VAL A 26 -9.81 18.80 -37.44
CA VAL A 26 -8.76 18.92 -36.43
C VAL A 26 -7.56 18.04 -36.78
N LEU A 27 -7.82 16.83 -37.28
CA LEU A 27 -6.73 15.93 -37.62
C LEU A 27 -5.94 16.45 -38.82
N ASP A 28 -6.62 16.96 -39.84
CA ASP A 28 -5.93 17.46 -41.03
C ASP A 28 -5.21 18.77 -40.76
N SER A 29 -5.70 19.57 -39.82
CA SER A 29 -5.06 20.85 -39.53
C SER A 29 -3.70 20.67 -38.85
N GLY A 30 -3.45 19.53 -38.23
CA GLY A 30 -2.22 19.36 -37.48
C GLY A 30 -2.16 20.15 -36.19
N ASP A 31 -3.31 20.66 -35.73
CA ASP A 31 -3.39 21.41 -34.49
C ASP A 31 -4.09 20.64 -33.38
N LEU A 32 -4.10 19.31 -33.47
CA LEU A 32 -4.67 18.48 -32.42
C LEU A 32 -4.03 18.76 -31.07
N MET A 33 -2.77 19.19 -31.07
CA MET A 33 -2.06 19.49 -29.83
C MET A 33 -2.74 20.63 -29.07
N LYS A 34 -3.08 21.71 -29.78
CA LYS A 34 -3.72 22.84 -29.12
C LYS A 34 -5.11 22.47 -28.60
N PHE A 35 -5.79 21.54 -29.27
CA PHE A 35 -7.10 21.09 -28.80
C PHE A 35 -6.97 20.23 -27.55
N ALA A 36 -5.96 19.36 -27.50
CA ALA A 36 -5.87 18.40 -26.42
C ALA A 36 -5.53 19.04 -25.09
N VAL A 37 -4.78 20.16 -25.10
CA VAL A 37 -4.43 20.85 -23.86
C VAL A 37 -5.48 21.87 -23.45
N ASP A 38 -6.57 21.99 -24.18
CA ASP A 38 -7.64 22.94 -23.86
C ASP A 38 -8.80 22.22 -23.19
N LYS A 39 -9.53 22.96 -22.36
CA LYS A 39 -10.63 22.35 -21.62
C LYS A 39 -11.81 22.02 -22.52
N THR A 40 -12.17 22.92 -23.43
CA THR A 40 -13.26 22.66 -24.35
C THR A 40 -12.82 21.76 -25.51
N GLY A 41 -11.61 21.98 -26.02
CA GLY A 41 -11.13 21.20 -27.14
C GLY A 41 -10.96 19.72 -26.80
N CYS A 42 -10.45 19.44 -25.60
CA CYS A 42 -10.28 18.05 -25.19
C CYS A 42 -11.62 17.34 -25.05
N GLN A 43 -12.63 18.06 -24.55
CA GLN A 43 -13.98 17.48 -24.50
C GLN A 43 -14.50 17.20 -25.90
N PHE A 44 -14.27 18.14 -26.83
CA PHE A 44 -14.65 17.89 -28.22
C PHE A 44 -13.98 16.64 -28.76
N LEU A 45 -12.69 16.46 -28.47
CA LEU A 45 -11.96 15.30 -28.97
C LEU A 45 -12.48 14.01 -28.37
N GLU A 46 -12.75 14.01 -27.05
CA GLU A 46 -13.28 12.82 -26.41
C GLU A 46 -14.67 12.48 -26.93
N LYS A 47 -15.47 13.49 -27.28
CA LYS A 47 -16.74 13.23 -27.94
C LYS A 47 -16.54 12.65 -29.33
N ALA A 48 -15.53 13.14 -30.06
CA ALA A 48 -15.35 12.74 -31.46
C ALA A 48 -14.84 11.32 -31.58
N VAL A 49 -13.85 10.94 -30.77
CA VAL A 49 -13.24 9.62 -30.90
C VAL A 49 -14.13 8.50 -30.38
N LYS A 50 -15.23 8.83 -29.71
CA LYS A 50 -16.13 7.81 -29.19
C LYS A 50 -17.06 7.22 -30.25
N GLY A 51 -17.13 7.83 -31.43
CA GLY A 51 -17.96 7.33 -32.51
C GLY A 51 -17.20 6.42 -33.44
N SER A 52 -17.77 6.22 -34.63
CA SER A 52 -17.13 5.39 -35.64
C SER A 52 -15.99 6.17 -36.31
N LEU A 53 -14.82 5.55 -36.37
CA LEU A 53 -13.64 6.19 -36.94
C LEU A 53 -13.07 5.32 -38.05
N THR A 54 -12.73 5.96 -39.17
CA THR A 54 -12.08 5.24 -40.26
C THR A 54 -10.64 4.89 -39.89
N SER A 55 -10.03 4.00 -40.67
CA SER A 55 -8.65 3.62 -40.43
C SER A 55 -7.70 4.81 -40.58
N TYR A 56 -8.01 5.71 -41.51
CA TYR A 56 -7.20 6.91 -41.68
C TYR A 56 -7.22 7.77 -40.42
N GLN A 57 -8.40 7.93 -39.81
CA GLN A 57 -8.49 8.73 -38.60
C GLN A 57 -7.76 8.07 -37.43
N LYS A 58 -7.84 6.74 -37.33
CA LYS A 58 -7.08 6.02 -36.30
C LYS A 58 -5.58 6.22 -36.50
N PHE A 59 -5.11 6.12 -37.74
CA PHE A 59 -3.71 6.36 -38.05
C PHE A 59 -3.28 7.76 -37.62
N GLN A 60 -4.09 8.77 -37.99
CA GLN A 60 -3.79 10.15 -37.63
C GLN A 60 -3.73 10.33 -36.12
N LEU A 61 -4.72 9.77 -35.40
CA LEU A 61 -4.75 9.91 -33.96
C LEU A 61 -3.52 9.27 -33.32
N PHE A 62 -3.19 8.05 -33.75
CA PHE A 62 -2.00 7.37 -33.22
C PHE A 62 -0.76 8.23 -33.40
N GLU A 63 -0.54 8.73 -34.62
CA GLU A 63 0.69 9.47 -34.87
C GLU A 63 0.71 10.81 -34.14
N GLN A 64 -0.42 11.50 -34.08
CA GLN A 64 -0.43 12.86 -33.51
C GLN A 64 -0.52 12.86 -31.98
N VAL A 65 -0.93 11.75 -31.37
CA VAL A 65 -0.99 11.67 -29.91
C VAL A 65 0.19 10.90 -29.33
N ILE A 66 0.44 9.69 -29.83
CA ILE A 66 1.47 8.83 -29.25
C ILE A 66 2.56 8.50 -30.27
N GLY A 67 2.74 9.34 -31.28
CA GLY A 67 3.72 9.07 -32.31
C GLY A 67 4.89 10.04 -32.33
N ARG A 68 4.76 11.15 -31.62
CA ARG A 68 5.79 12.17 -31.54
C ARG A 68 6.19 12.34 -30.09
N LYS A 69 7.49 12.24 -29.81
CA LYS A 69 7.94 12.19 -28.42
C LYS A 69 7.58 13.45 -27.66
N ASP A 70 8.03 14.61 -28.16
CA ASP A 70 7.80 15.85 -27.43
C ASP A 70 6.31 16.13 -27.28
N ASP A 71 5.54 15.87 -28.33
CA ASP A 71 4.09 16.05 -28.26
C ASP A 71 3.46 15.11 -27.25
N PHE A 72 3.88 13.83 -27.27
CA PHE A 72 3.34 12.85 -26.34
C PHE A 72 3.68 13.21 -24.89
N LEU A 73 4.89 13.71 -24.66
CA LEU A 73 5.28 14.10 -23.31
C LEU A 73 4.51 15.33 -22.84
N LYS A 74 4.32 16.30 -23.75
CA LYS A 74 3.55 17.49 -23.38
C LYS A 74 2.10 17.14 -23.07
N LEU A 75 1.54 16.17 -23.79
CA LEU A 75 0.14 15.80 -23.55
C LEU A 75 -0.01 14.93 -22.30
N SER A 76 0.96 14.04 -22.04
CA SER A 76 0.86 13.16 -20.88
C SER A 76 0.96 13.94 -19.57
N THR A 77 1.69 15.06 -19.57
CA THR A 77 1.87 15.88 -18.38
C THR A 77 0.86 17.03 -18.32
N ASN A 78 -0.21 16.97 -19.11
CA ASN A 78 -1.23 18.00 -19.12
C ASN A 78 -2.44 17.55 -18.30
N ILE A 79 -3.11 18.53 -17.68
CA ILE A 79 -4.23 18.20 -16.79
C ILE A 79 -5.38 17.61 -17.59
N PHE A 80 -5.60 18.08 -18.81
CA PHE A 80 -6.65 17.53 -19.67
C PHE A 80 -6.12 16.53 -20.68
N GLY A 81 -4.90 16.72 -21.17
CA GLY A 81 -4.40 15.89 -22.25
C GLY A 81 -4.16 14.45 -21.86
N ASN A 82 -3.88 14.20 -20.58
CA ASN A 82 -3.52 12.85 -20.16
C ASN A 82 -4.68 11.87 -20.33
N TYR A 83 -5.91 12.33 -20.10
CA TYR A 83 -7.08 11.47 -20.31
C TYR A 83 -7.16 11.02 -21.77
N PHE A 84 -7.05 11.97 -22.70
CA PHE A 84 -7.10 11.64 -24.11
C PHE A 84 -5.91 10.77 -24.52
N VAL A 85 -4.74 10.99 -23.91
CA VAL A 85 -3.59 10.16 -24.21
C VAL A 85 -3.86 8.71 -23.80
N GLN A 86 -4.44 8.52 -22.61
CA GLN A 86 -4.79 7.17 -22.17
C GLN A 86 -5.82 6.54 -23.10
N GLU A 87 -6.80 7.33 -23.54
CA GLU A 87 -7.80 6.83 -24.48
C GLU A 87 -7.15 6.35 -25.78
N ILE A 88 -6.27 7.17 -26.34
CA ILE A 88 -5.61 6.80 -27.60
C ILE A 88 -4.67 5.63 -27.40
N ILE A 89 -4.03 5.53 -26.22
CA ILE A 89 -3.17 4.38 -25.93
C ILE A 89 -3.97 3.09 -25.95
N GLY A 90 -5.10 3.08 -25.23
CA GLY A 90 -5.95 1.90 -25.23
C GLY A 90 -6.46 1.55 -26.62
N MET A 91 -6.89 2.58 -27.37
CA MET A 91 -7.37 2.35 -28.74
C MET A 91 -6.29 1.77 -29.62
N SER A 92 -5.05 2.26 -29.48
CA SER A 92 -3.95 1.74 -30.29
C SER A 92 -3.63 0.30 -29.92
N LEU A 93 -3.64 -0.01 -28.63
CA LEU A 93 -3.38 -1.39 -28.21
C LEU A 93 -4.46 -2.33 -28.72
N THR A 94 -5.71 -1.87 -28.77
CA THR A 94 -6.80 -2.71 -29.25
C THR A 94 -6.92 -2.73 -30.78
N THR A 95 -6.09 -1.98 -31.50
CA THR A 95 -6.08 -1.98 -32.95
C THR A 95 -4.92 -2.85 -33.42
N TYR A 96 -5.23 -4.01 -33.99
CA TYR A 96 -4.22 -5.00 -34.37
C TYR A 96 -4.00 -4.96 -35.88
N ASP A 97 -3.20 -3.98 -36.30
CA ASP A 97 -2.72 -3.88 -37.68
C ASP A 97 -1.21 -4.13 -37.68
N ASP A 98 -0.58 -3.88 -38.83
CA ASP A 98 0.86 -4.11 -38.92
C ASP A 98 1.69 -3.06 -38.20
N ASP A 99 1.13 -2.16 -37.38
CA ASP A 99 1.91 -1.16 -36.68
C ASP A 99 1.67 -1.16 -35.18
N ASN A 100 1.02 -2.20 -34.65
CA ASN A 100 0.72 -2.24 -33.21
C ASN A 100 2.00 -2.31 -32.39
N ILE A 101 2.84 -3.30 -32.66
CA ILE A 101 4.07 -3.48 -31.90
C ILE A 101 5.00 -2.27 -32.07
N LYS A 102 4.97 -1.64 -33.26
CA LYS A 102 5.81 -0.47 -33.48
C LYS A 102 5.35 0.71 -32.65
N ARG A 103 4.03 0.92 -32.56
CA ARG A 103 3.51 1.99 -31.70
C ARG A 103 3.81 1.70 -30.23
N GLN A 104 3.72 0.44 -29.82
CA GLN A 104 4.08 0.09 -28.44
C GLN A 104 5.56 0.35 -28.18
N GLU A 105 6.42 0.06 -29.17
CA GLU A 105 7.84 0.32 -29.04
C GLU A 105 8.12 1.81 -28.87
N LYS A 106 7.49 2.63 -29.72
CA LYS A 106 7.67 4.07 -29.61
C LYS A 106 7.15 4.60 -28.27
N LEU A 107 6.02 4.06 -27.80
CA LEU A 107 5.50 4.44 -26.49
C LEU A 107 6.49 4.10 -25.39
N LYS A 108 7.04 2.89 -25.44
CA LYS A 108 8.01 2.45 -24.45
C LYS A 108 9.23 3.38 -24.43
N ASN A 109 9.76 3.71 -25.61
CA ASN A 109 10.93 4.58 -25.68
C ASN A 109 10.60 5.98 -25.15
N PHE A 110 9.45 6.53 -25.54
CA PHE A 110 9.04 7.86 -25.08
C PHE A 110 8.95 7.91 -23.57
N ILE A 111 8.32 6.88 -22.97
CA ILE A 111 8.15 6.89 -21.52
C ILE A 111 9.48 6.63 -20.81
N SER A 112 10.34 5.79 -21.39
CA SER A 112 11.61 5.48 -20.75
C SER A 112 12.54 6.69 -20.76
N SER A 113 12.46 7.54 -21.79
CA SER A 113 13.34 8.70 -21.85
C SER A 113 13.07 9.70 -20.74
N GLN A 114 11.91 9.63 -20.07
CA GLN A 114 11.58 10.58 -19.01
C GLN A 114 10.97 9.91 -17.79
N MET A 115 11.13 8.60 -17.65
CA MET A 115 10.55 7.80 -16.57
C MET A 115 10.47 8.50 -15.21
N THR A 116 11.61 8.99 -14.70
CA THR A 116 11.63 9.54 -13.35
C THR A 116 10.72 10.75 -13.23
N ASP A 117 10.84 11.70 -14.17
CA ASP A 117 10.01 12.90 -14.14
C ASP A 117 8.55 12.60 -14.44
N MET A 118 8.26 11.52 -15.17
CA MET A 118 6.88 11.18 -15.47
C MET A 118 6.19 10.45 -14.32
N CYS A 119 6.95 9.68 -13.53
CA CYS A 119 6.36 9.06 -12.35
C CYS A 119 5.96 10.11 -11.33
N LEU A 120 6.79 11.14 -11.15
CA LEU A 120 6.51 12.20 -10.18
C LEU A 120 5.51 13.22 -10.69
N ASP A 121 4.99 13.06 -11.90
CA ASP A 121 4.02 14.00 -12.45
C ASP A 121 2.61 13.50 -12.13
N LYS A 122 1.77 14.41 -11.63
CA LYS A 122 0.43 14.02 -11.18
C LYS A 122 -0.41 13.43 -12.30
N PHE A 123 -0.15 13.84 -13.55
CA PHE A 123 -0.93 13.37 -14.69
C PHE A 123 -0.20 12.31 -15.50
N ALA A 124 1.12 12.40 -15.62
CA ALA A 124 1.86 11.44 -16.43
C ALA A 124 1.95 10.07 -15.76
N CYS A 125 1.90 10.03 -14.42
CA CYS A 125 1.91 8.75 -13.72
C CYS A 125 0.66 7.94 -14.07
N ARG A 126 -0.47 8.63 -14.31
CA ARG A 126 -1.66 7.95 -14.79
C ARG A 126 -1.40 7.28 -16.14
N VAL A 127 -0.71 7.99 -17.04
CA VAL A 127 -0.34 7.41 -18.32
C VAL A 127 0.55 6.19 -18.13
N ILE A 128 1.51 6.28 -17.20
CA ILE A 128 2.43 5.18 -16.96
C ILE A 128 1.68 3.95 -16.46
N GLN A 129 0.79 4.14 -15.49
CA GLN A 129 0.02 3.02 -14.97
C GLN A 129 -0.90 2.43 -16.04
N SER A 130 -1.57 3.30 -16.82
CA SER A 130 -2.46 2.82 -17.87
C SER A 130 -1.70 2.04 -18.93
N SER A 131 -0.44 2.39 -19.17
CA SER A 131 0.36 1.62 -20.12
C SER A 131 0.82 0.29 -19.51
N LEU A 132 1.23 0.32 -18.24
CA LEU A 132 1.85 -0.87 -17.63
C LEU A 132 0.91 -2.07 -17.62
N GLN A 133 -0.39 -1.85 -17.47
CA GLN A 133 -1.34 -2.96 -17.32
C GLN A 133 -1.97 -3.41 -18.63
N ASN A 134 -1.79 -2.65 -19.71
CA ASN A 134 -2.40 -3.00 -21.00
C ASN A 134 -1.39 -3.17 -22.12
N MET A 135 -0.22 -2.57 -22.03
CA MET A 135 0.82 -2.77 -23.02
C MET A 135 1.47 -4.14 -22.83
N ASP A 136 2.09 -4.62 -23.92
CA ASP A 136 2.90 -5.84 -23.94
C ASP A 136 3.75 -5.98 -22.69
N LEU A 137 3.72 -7.17 -22.10
CA LEU A 137 4.55 -7.44 -20.93
C LEU A 137 6.04 -7.36 -21.28
N SER A 138 6.42 -7.82 -22.48
CA SER A 138 7.82 -7.74 -22.88
C SER A 138 8.33 -6.30 -22.84
N LEU A 139 7.48 -5.35 -23.23
CA LEU A 139 7.85 -3.94 -23.22
C LEU A 139 7.56 -3.26 -21.89
N ALA A 140 6.58 -3.75 -21.13
CA ALA A 140 6.35 -3.21 -19.80
C ALA A 140 7.50 -3.51 -18.87
N CYS A 141 8.08 -4.72 -18.97
CA CYS A 141 9.26 -5.04 -18.19
C CYS A 141 10.43 -4.13 -18.56
N LYS A 142 10.57 -3.83 -19.85
CA LYS A 142 11.62 -2.90 -20.29
C LYS A 142 11.36 -1.50 -19.73
N LEU A 143 10.09 -1.10 -19.67
CA LEU A 143 9.73 0.17 -19.04
C LEU A 143 10.15 0.20 -17.58
N VAL A 144 9.97 -0.93 -16.88
CA VAL A 144 10.33 -1.00 -15.46
C VAL A 144 11.81 -0.72 -15.25
N GLN A 145 12.67 -1.12 -16.21
CA GLN A 145 14.10 -0.95 -16.02
C GLN A 145 14.55 0.50 -16.13
N ALA A 146 13.70 1.39 -16.65
CA ALA A 146 14.03 2.81 -16.71
C ALA A 146 13.86 3.51 -15.37
N LEU A 147 13.39 2.79 -14.34
CA LEU A 147 13.21 3.41 -13.04
C LEU A 147 14.56 3.85 -12.47
N PRO A 148 14.61 4.99 -11.79
CA PRO A 148 15.89 5.44 -11.22
C PRO A 148 16.35 4.52 -10.10
N ARG A 149 17.67 4.47 -9.92
CA ARG A 149 18.28 3.63 -8.90
C ARG A 149 18.90 4.41 -7.76
N ASP A 150 19.00 5.74 -7.88
CA ASP A 150 19.59 6.55 -6.82
C ASP A 150 18.53 7.00 -5.82
N ALA A 151 18.73 8.17 -5.22
CA ALA A 151 17.81 8.67 -4.21
C ALA A 151 16.43 8.99 -4.76
N ARG A 152 16.32 9.27 -6.06
CA ARG A 152 15.01 9.58 -6.64
C ARG A 152 14.04 8.41 -6.50
N LEU A 153 14.56 7.18 -6.49
CA LEU A 153 13.70 6.02 -6.27
C LEU A 153 13.01 6.10 -4.91
N ILE A 154 13.65 6.73 -3.93
CA ILE A 154 12.98 7.01 -2.67
C ILE A 154 11.83 8.00 -2.89
N ALA A 155 12.11 9.08 -3.61
CA ALA A 155 11.08 10.09 -3.88
C ALA A 155 9.86 9.46 -4.52
N ILE A 156 10.06 8.73 -5.63
CA ILE A 156 8.97 8.03 -6.29
C ILE A 156 8.20 7.15 -5.30
N CYS A 157 8.92 6.51 -4.37
CA CYS A 157 8.25 5.64 -3.41
C CYS A 157 7.41 6.43 -2.42
N VAL A 158 7.85 7.63 -2.04
CA VAL A 158 7.15 8.42 -1.04
C VAL A 158 6.25 9.49 -1.65
N ASP A 159 6.21 9.57 -2.98
CA ASP A 159 5.38 10.57 -3.64
C ASP A 159 3.91 10.17 -3.59
N GLN A 160 3.04 11.17 -3.47
CA GLN A 160 1.61 10.91 -3.37
C GLN A 160 1.08 10.23 -4.62
N ASN A 161 1.60 10.60 -5.79
CA ASN A 161 1.16 10.02 -7.05
C ASN A 161 2.03 8.85 -7.50
N ALA A 162 3.35 8.95 -7.29
CA ALA A 162 4.26 7.97 -7.88
C ALA A 162 4.26 6.64 -7.14
N ASN A 163 3.74 6.59 -5.91
CA ASN A 163 3.69 5.32 -5.20
C ASN A 163 2.77 4.33 -5.89
N HIS A 164 1.69 4.81 -6.51
CA HIS A 164 0.80 3.93 -7.26
C HIS A 164 1.51 3.32 -8.46
N VAL A 165 2.48 4.02 -9.04
CA VAL A 165 3.26 3.45 -10.14
C VAL A 165 4.05 2.24 -9.65
N ILE A 166 4.71 2.37 -8.49
CA ILE A 166 5.49 1.26 -7.96
C ILE A 166 4.58 0.10 -7.57
N GLN A 167 3.43 0.40 -6.98
CA GLN A 167 2.51 -0.67 -6.62
C GLN A 167 1.95 -1.36 -7.86
N LYS A 168 1.72 -0.62 -8.95
CA LYS A 168 1.28 -1.23 -10.20
C LYS A 168 2.36 -2.12 -10.78
N VAL A 169 3.62 -1.66 -10.75
CA VAL A 169 4.73 -2.50 -11.19
C VAL A 169 4.77 -3.79 -10.38
N VAL A 170 4.60 -3.69 -9.07
CA VAL A 170 4.58 -4.88 -8.22
C VAL A 170 3.40 -5.78 -8.59
N ALA A 171 2.28 -5.18 -8.99
CA ALA A 171 1.07 -5.96 -9.24
C ALA A 171 1.12 -6.72 -10.57
N VAL A 172 1.66 -6.10 -11.63
CA VAL A 172 1.53 -6.67 -12.97
C VAL A 172 2.86 -7.08 -13.59
N ILE A 173 3.99 -6.85 -12.92
CA ILE A 173 5.28 -7.20 -13.50
C ILE A 173 5.90 -8.36 -12.71
N PRO A 174 6.51 -9.34 -13.36
CA PRO A 174 7.18 -10.41 -12.62
C PRO A 174 8.31 -9.88 -11.75
N LEU A 175 8.60 -10.62 -10.68
CA LEU A 175 9.56 -10.15 -9.67
C LEU A 175 10.98 -10.03 -10.24
N LYS A 176 11.32 -10.83 -11.25
CA LYS A 176 12.64 -10.76 -11.85
C LYS A 176 12.99 -9.35 -12.30
N ASN A 177 12.00 -8.59 -12.76
CA ASN A 177 12.25 -7.28 -13.34
C ASN A 177 12.33 -6.16 -12.30
N TRP A 178 11.74 -6.34 -11.11
CA TRP A 178 11.77 -5.31 -10.07
C TRP A 178 12.36 -5.83 -8.77
N GLU A 179 13.20 -6.87 -8.83
CA GLU A 179 13.87 -7.36 -7.64
C GLU A 179 14.82 -6.31 -7.05
N PHE A 180 15.36 -5.44 -7.91
CA PHE A 180 16.21 -4.36 -7.41
C PHE A 180 15.43 -3.41 -6.50
N ILE A 181 14.11 -3.29 -6.72
CA ILE A 181 13.29 -2.48 -5.82
C ILE A 181 13.23 -3.10 -4.43
N VAL A 182 13.06 -4.44 -4.37
CA VAL A 182 13.06 -5.12 -3.08
C VAL A 182 14.40 -4.91 -2.38
N ASP A 183 15.51 -5.07 -3.13
CA ASP A 183 16.82 -4.89 -2.53
C ASP A 183 17.04 -3.45 -2.08
N PHE A 184 16.49 -2.49 -2.83
CA PHE A 184 16.66 -1.07 -2.50
C PHE A 184 15.88 -0.70 -1.25
N VAL A 185 14.63 -1.19 -1.13
CA VAL A 185 13.84 -0.94 0.07
C VAL A 185 14.46 -1.65 1.27
N ALA A 186 15.08 -2.82 1.06
CA ALA A 186 15.68 -3.56 2.15
C ALA A 186 16.88 -2.85 2.78
N THR A 187 17.41 -1.81 2.15
CA THR A 187 18.51 -1.06 2.73
C THR A 187 18.06 -0.42 4.04
N PRO A 188 18.83 -0.55 5.13
CA PRO A 188 18.35 -0.02 6.42
C PRO A 188 18.14 1.49 6.41
N GLU A 189 18.97 2.24 5.70
CA GLU A 189 18.79 3.69 5.66
C GLU A 189 17.60 4.08 4.79
N HIS A 190 17.22 3.22 3.84
CA HIS A 190 16.06 3.48 3.00
C HIS A 190 14.77 2.94 3.60
N LEU A 191 14.85 1.81 4.32
CA LEU A 191 13.67 1.20 4.89
C LEU A 191 13.00 2.13 5.89
N ARG A 192 13.80 2.82 6.71
CA ARG A 192 13.24 3.75 7.69
C ARG A 192 12.52 4.90 6.99
N GLN A 193 13.18 5.52 6.01
CA GLN A 193 12.57 6.66 5.31
C GLN A 193 11.28 6.25 4.60
N ILE A 194 11.28 5.08 3.95
CA ILE A 194 10.13 4.70 3.15
C ILE A 194 8.98 4.22 4.04
N CYS A 195 9.29 3.47 5.11
CA CYS A 195 8.24 2.95 5.97
C CYS A 195 7.62 4.04 6.84
N PHE A 196 8.41 5.03 7.25
CA PHE A 196 7.90 6.13 8.08
C PHE A 196 7.09 7.15 7.28
N ASP A 197 6.84 6.88 6.00
CA ASP A 197 6.10 7.79 5.13
C ASP A 197 4.70 7.25 4.87
N LYS A 198 3.79 8.18 4.57
CA LYS A 198 2.39 7.81 4.36
C LYS A 198 2.22 6.84 3.20
N TYR A 199 2.85 7.14 2.06
CA TYR A 199 2.67 6.34 0.86
C TYR A 199 3.77 5.29 0.67
N GLY A 200 4.98 5.58 1.13
CA GLY A 200 6.02 4.56 1.12
C GLY A 200 5.67 3.35 1.96
N CYS A 201 4.91 3.55 3.03
CA CYS A 201 4.44 2.43 3.83
C CYS A 201 3.49 1.54 3.03
N ARG A 202 2.58 2.16 2.26
CA ARG A 202 1.74 1.40 1.35
C ARG A 202 2.57 0.62 0.33
N VAL A 203 3.62 1.27 -0.19
CA VAL A 203 4.51 0.59 -1.14
C VAL A 203 5.14 -0.64 -0.51
N VAL A 204 5.67 -0.50 0.71
CA VAL A 204 6.35 -1.62 1.35
C VAL A 204 5.37 -2.73 1.68
N GLN A 205 4.17 -2.38 2.14
CA GLN A 205 3.18 -3.41 2.45
C GLN A 205 2.74 -4.14 1.18
N THR A 206 2.61 -3.42 0.07
CA THR A 206 2.27 -4.07 -1.19
C THR A 206 3.37 -5.04 -1.63
N ILE A 207 4.63 -4.60 -1.51
CA ILE A 207 5.75 -5.49 -1.85
C ILE A 207 5.71 -6.74 -0.99
N ILE A 208 5.51 -6.58 0.33
CA ILE A 208 5.46 -7.71 1.23
C ILE A 208 4.33 -8.66 0.85
N GLU A 209 3.15 -8.10 0.54
CA GLU A 209 2.02 -8.94 0.17
C GLU A 209 2.27 -9.70 -1.13
N LYS A 210 3.01 -9.10 -2.06
CA LYS A 210 3.28 -9.80 -3.31
C LYS A 210 4.28 -10.94 -3.11
N LEU A 211 5.28 -10.73 -2.26
CA LEU A 211 6.30 -11.75 -1.99
C LEU A 211 5.80 -12.87 -1.09
N THR A 212 4.52 -12.84 -0.70
CA THR A 212 3.93 -13.88 0.13
C THR A 212 3.09 -14.81 -0.74
N ALA A 213 3.44 -16.09 -0.72
CA ALA A 213 2.69 -17.07 -1.50
C ALA A 213 1.35 -17.37 -0.84
N ASP A 214 0.29 -17.41 -1.64
CA ASP A 214 -1.05 -17.58 -1.06
C ASP A 214 -1.97 -18.13 -2.15
N SER A 215 -3.25 -17.75 -2.13
CA SER A 215 -4.21 -18.32 -3.05
C SER A 215 -4.07 -17.72 -4.44
N ILE A 216 -3.93 -16.39 -4.53
CA ILE A 216 -3.76 -15.73 -5.81
C ILE A 216 -2.30 -15.55 -6.19
N ASN A 217 -1.38 -15.70 -5.25
CA ASN A 217 0.06 -15.63 -5.54
C ASN A 217 0.60 -17.05 -5.53
N VAL A 218 0.47 -17.72 -6.66
CA VAL A 218 0.89 -19.11 -6.82
C VAL A 218 2.17 -19.13 -7.66
N ASP A 219 3.21 -19.77 -7.13
CA ASP A 219 4.47 -19.88 -7.84
C ASP A 219 4.31 -20.76 -9.07
N LEU A 220 4.96 -20.36 -10.16
CA LEU A 220 4.88 -21.08 -11.43
C LEU A 220 6.01 -22.10 -11.58
N THR A 221 7.24 -21.71 -11.25
CA THR A 221 8.40 -22.57 -11.42
C THR A 221 9.22 -22.58 -10.13
N SER A 222 10.14 -23.55 -10.05
CA SER A 222 11.04 -23.61 -8.91
C SER A 222 11.91 -22.36 -8.82
N ALA A 223 12.36 -21.86 -9.98
CA ALA A 223 13.15 -20.63 -10.00
C ALA A 223 12.35 -19.45 -9.46
N ALA A 224 11.07 -19.34 -9.86
CA ALA A 224 10.24 -18.25 -9.38
C ALA A 224 10.00 -18.35 -7.87
N GLN A 225 9.72 -19.56 -7.39
CA GLN A 225 9.52 -19.76 -5.95
C GLN A 225 10.77 -19.38 -5.17
N HIS A 226 11.95 -19.85 -5.63
CA HIS A 226 13.19 -19.52 -4.94
C HIS A 226 13.46 -18.03 -4.96
N LEU A 227 13.27 -17.38 -6.11
CA LEU A 227 13.47 -15.94 -6.21
C LEU A 227 12.57 -15.19 -5.22
N ARG A 228 11.28 -15.53 -5.22
CA ARG A 228 10.34 -14.85 -4.35
C ARG A 228 10.68 -15.06 -2.88
N GLU A 229 11.03 -16.29 -2.50
CA GLU A 229 11.29 -16.56 -1.09
C GLU A 229 12.61 -15.94 -0.64
N ARG A 230 13.63 -15.88 -1.51
CA ARG A 230 14.88 -15.23 -1.12
C ARG A 230 14.68 -13.72 -0.98
N ALA A 231 13.95 -13.10 -1.91
CA ALA A 231 13.63 -11.68 -1.76
C ALA A 231 12.83 -11.43 -0.49
N LEU A 232 11.88 -12.32 -0.19
CA LEU A 232 11.08 -12.18 1.02
C LEU A 232 11.96 -12.26 2.27
N GLN A 233 12.89 -13.21 2.31
CA GLN A 233 13.78 -13.34 3.46
C GLN A 233 14.66 -12.11 3.61
N ARG A 234 15.18 -11.60 2.48
CA ARG A 234 16.02 -10.40 2.54
C ARG A 234 15.26 -9.20 3.07
N LEU A 235 13.99 -9.05 2.67
CA LEU A 235 13.21 -7.92 3.17
C LEU A 235 12.81 -8.13 4.63
N MET A 236 12.49 -9.36 5.01
CA MET A 236 12.03 -9.64 6.37
C MET A 236 13.15 -9.49 7.38
N THR A 237 14.40 -9.81 7.00
CA THR A 237 15.50 -9.56 7.91
C THR A 237 15.65 -8.05 8.20
N SER A 238 15.54 -7.23 7.15
CA SER A 238 15.59 -5.78 7.35
C SER A 238 14.45 -5.29 8.22
N VAL A 239 13.24 -5.82 8.00
CA VAL A 239 12.10 -5.37 8.79
C VAL A 239 12.25 -5.77 10.25
N THR A 240 12.65 -7.01 10.51
CA THR A 240 12.74 -7.53 11.87
C THR A 240 13.99 -7.04 12.61
N ASN A 241 14.98 -6.51 11.90
CA ASN A 241 16.14 -5.96 12.60
C ASN A 241 15.81 -4.63 13.27
N ARG A 242 14.83 -3.91 12.75
CA ARG A 242 14.41 -2.62 13.31
C ARG A 242 12.90 -2.61 13.54
N CYS A 243 12.35 -3.75 13.95
CA CYS A 243 10.92 -3.83 14.22
C CYS A 243 10.49 -2.97 15.40
N GLN A 244 11.42 -2.65 16.31
CA GLN A 244 11.10 -1.80 17.45
C GLN A 244 10.59 -0.44 16.99
N GLU A 245 11.36 0.24 16.15
CA GLU A 245 10.98 1.57 15.68
C GLU A 245 9.89 1.55 14.63
N LEU A 246 9.64 0.39 14.00
CA LEU A 246 8.56 0.30 13.03
C LEU A 246 7.21 0.07 13.71
N ALA A 247 7.19 -0.76 14.75
CA ALA A 247 5.93 -1.07 15.42
C ALA A 247 5.35 0.11 16.17
N THR A 248 6.16 1.10 16.53
CA THR A 248 5.69 2.29 17.23
C THR A 248 5.49 3.49 16.32
N ASN A 249 5.92 3.39 15.05
CA ASN A 249 5.77 4.51 14.13
C ASN A 249 4.31 4.70 13.75
N GLU A 250 3.96 5.95 13.41
CA GLU A 250 2.57 6.26 13.09
C GLU A 250 2.10 5.56 11.83
N TYR A 251 3.01 5.24 10.91
CA TYR A 251 2.65 4.57 9.67
C TYR A 251 3.20 3.16 9.56
N ALA A 252 4.44 2.92 10.00
CA ALA A 252 5.06 1.61 9.83
C ALA A 252 4.39 0.52 10.64
N ASN A 253 3.66 0.88 11.70
CA ASN A 253 3.06 -0.13 12.57
C ASN A 253 2.17 -1.09 11.77
N TYR A 254 1.42 -0.55 10.81
CA TYR A 254 0.58 -1.39 9.95
C TYR A 254 1.38 -2.55 9.35
N ILE A 255 2.56 -2.23 8.80
CA ILE A 255 3.44 -3.27 8.26
C ILE A 255 3.62 -4.39 9.26
N ILE A 256 4.05 -4.04 10.49
CA ILE A 256 4.23 -5.04 11.53
C ILE A 256 2.95 -5.83 11.71
N GLN A 257 1.82 -5.13 11.86
CA GLN A 257 0.53 -5.81 12.01
C GLN A 257 0.32 -6.82 10.90
N HIS A 258 0.59 -6.43 9.65
CA HIS A 258 0.42 -7.36 8.55
C HIS A 258 1.24 -8.62 8.77
N ILE A 259 2.52 -8.46 9.10
CA ILE A 259 3.39 -9.61 9.28
C ILE A 259 2.89 -10.49 10.42
N VAL A 260 2.17 -9.91 11.37
CA VAL A 260 1.58 -10.71 12.43
C VAL A 260 0.24 -11.30 12.02
N SER A 261 -0.55 -10.58 11.22
CA SER A 261 -1.89 -11.07 10.88
C SER A 261 -1.86 -12.16 9.84
N ASN A 262 -0.92 -12.11 8.91
CA ASN A 262 -0.86 -13.07 7.80
C ASN A 262 -0.29 -14.39 8.30
N ASP A 263 -1.11 -15.44 8.25
CA ASP A 263 -0.67 -16.75 8.74
C ASP A 263 0.39 -17.38 7.84
N ASP A 264 0.57 -16.86 6.63
CA ASP A 264 1.62 -17.37 5.74
C ASP A 264 3.00 -16.83 6.07
N LEU A 265 3.08 -15.81 6.93
CA LEU A 265 4.34 -15.26 7.41
C LEU A 265 4.65 -15.71 8.84
N ALA A 266 4.07 -16.83 9.27
CA ALA A 266 4.10 -17.29 10.66
C ALA A 266 5.47 -17.11 11.32
N VAL A 267 6.50 -17.73 10.72
CA VAL A 267 7.88 -17.63 11.19
C VAL A 267 8.18 -16.21 11.62
N TYR A 268 8.15 -15.29 10.65
CA TYR A 268 8.51 -13.90 10.93
C TYR A 268 7.64 -13.34 12.04
N ARG A 269 6.34 -13.60 11.99
CA ARG A 269 5.43 -13.21 13.06
C ARG A 269 6.02 -13.56 14.42
N GLU A 270 6.33 -14.83 14.62
CA GLU A 270 6.87 -15.28 15.90
C GLU A 270 8.15 -14.52 16.25
N CYS A 271 9.03 -14.34 15.28
CA CYS A 271 10.26 -13.59 15.53
C CYS A 271 9.92 -12.19 16.02
N ILE A 272 8.99 -11.53 15.34
CA ILE A 272 8.58 -10.18 15.74
C ILE A 272 8.12 -10.17 17.18
N ILE A 273 7.45 -11.24 17.62
CA ILE A 273 6.93 -11.26 18.98
C ILE A 273 8.07 -11.41 19.98
N GLU A 274 9.11 -12.16 19.62
CA GLU A 274 10.18 -12.45 20.57
C GLU A 274 11.29 -11.40 20.58
N LYS A 275 11.47 -10.67 19.49
CA LYS A 275 12.59 -9.74 19.41
C LYS A 275 12.27 -8.37 20.00
N CYS A 276 11.09 -7.82 19.68
CA CYS A 276 10.73 -6.48 20.13
C CYS A 276 9.47 -6.42 20.97
N LEU A 277 8.54 -7.35 20.81
CA LEU A 277 7.29 -7.28 21.55
C LEU A 277 7.45 -7.77 22.99
N MET A 278 8.08 -8.94 23.17
CA MET A 278 8.20 -9.53 24.49
C MET A 278 8.99 -8.62 25.43
N ARG A 279 8.74 -8.80 26.73
CA ARG A 279 9.29 -8.00 27.82
C ARG A 279 8.93 -6.52 27.70
N ASN A 280 8.06 -6.15 26.75
CA ASN A 280 7.63 -4.76 26.60
C ASN A 280 6.14 -4.65 26.35
N LEU A 281 5.35 -5.65 26.78
CA LEU A 281 3.93 -5.65 26.48
C LEU A 281 3.20 -4.48 27.13
N LEU A 282 3.64 -4.05 28.31
CA LEU A 282 2.97 -2.95 29.00
C LEU A 282 3.19 -1.62 28.27
N SER A 283 4.45 -1.21 28.13
CA SER A 283 4.76 0.07 27.50
C SER A 283 4.25 0.13 26.07
N LEU A 284 4.31 -1.00 25.35
CA LEU A 284 3.78 -1.02 23.99
C LEU A 284 2.25 -0.99 23.99
N SER A 285 1.62 -1.61 24.98
CA SER A 285 0.17 -1.50 25.13
C SER A 285 -0.25 -0.08 25.44
N GLN A 286 0.64 0.74 25.99
CA GLN A 286 0.33 2.13 26.28
C GLN A 286 0.69 3.08 25.14
N GLU A 287 1.16 2.57 24.00
CA GLU A 287 1.47 3.40 22.85
C GLU A 287 0.23 3.58 21.98
N LYS A 288 0.14 4.74 21.33
CA LYS A 288 -1.01 5.01 20.46
C LYS A 288 -1.02 4.06 19.27
N PHE A 289 0.14 3.83 18.66
CA PHE A 289 0.23 3.02 17.45
C PHE A 289 0.64 1.59 17.70
N ALA A 290 1.50 1.34 18.70
CA ALA A 290 1.96 -0.02 18.99
C ALA A 290 0.90 -0.86 19.68
N SER A 291 -0.13 -0.24 20.26
CA SER A 291 -1.18 -1.03 20.89
C SER A 291 -1.94 -1.88 19.87
N HIS A 292 -2.11 -1.38 18.66
CA HIS A 292 -2.71 -2.20 17.60
C HIS A 292 -1.82 -3.37 17.25
N VAL A 293 -0.50 -3.17 17.26
CA VAL A 293 0.42 -4.27 17.04
C VAL A 293 0.28 -5.31 18.15
N VAL A 294 0.13 -4.86 19.39
CA VAL A 294 -0.04 -5.80 20.51
C VAL A 294 -1.35 -6.56 20.35
N GLU A 295 -2.40 -5.89 19.90
CA GLU A 295 -3.68 -6.56 19.67
C GLU A 295 -3.55 -7.63 18.60
N LYS A 296 -2.90 -7.29 17.48
CA LYS A 296 -2.69 -8.27 16.42
C LYS A 296 -1.86 -9.46 16.92
N ALA A 297 -0.84 -9.18 17.73
CA ALA A 297 -0.02 -10.25 18.30
C ALA A 297 -0.87 -11.16 19.17
N PHE A 298 -1.70 -10.59 20.04
CA PHE A 298 -2.57 -11.42 20.87
C PHE A 298 -3.53 -12.25 20.01
N LEU A 299 -4.02 -11.67 18.91
CA LEU A 299 -4.98 -12.38 18.08
C LEU A 299 -4.34 -13.50 17.29
N HIS A 300 -3.07 -13.36 16.90
CA HIS A 300 -2.45 -14.31 15.98
C HIS A 300 -1.24 -15.04 16.56
N ALA A 301 -0.95 -14.88 17.85
CA ALA A 301 0.19 -15.59 18.41
C ALA A 301 -0.12 -17.08 18.55
N PRO A 302 0.85 -17.95 18.29
CA PRO A 302 0.67 -19.36 18.61
C PRO A 302 0.42 -19.55 20.10
N MET A 303 -0.11 -20.74 20.43
CA MET A 303 -0.46 -21.03 21.83
C MET A 303 0.73 -20.85 22.75
N GLU A 304 1.92 -21.31 22.32
CA GLU A 304 3.10 -21.24 23.17
C GLU A 304 3.48 -19.79 23.48
N LEU A 305 3.37 -18.90 22.50
CA LEU A 305 3.70 -17.50 22.74
C LEU A 305 2.55 -16.74 23.40
N LEU A 306 1.31 -17.16 23.13
CA LEU A 306 0.15 -16.57 23.81
C LEU A 306 0.22 -16.85 25.30
N ALA A 307 0.72 -18.03 25.68
CA ALA A 307 0.86 -18.35 27.10
C ALA A 307 1.67 -17.28 27.86
N GLU A 308 2.89 -16.96 27.38
CA GLU A 308 3.66 -15.86 27.99
C GLU A 308 2.89 -14.55 27.89
N MET A 309 2.59 -14.13 26.66
CA MET A 309 1.87 -12.86 26.45
C MET A 309 0.75 -12.61 27.46
N MET A 310 0.09 -13.67 27.93
CA MET A 310 -0.78 -13.58 29.09
C MET A 310 0.00 -13.47 30.40
N ASP A 311 1.02 -14.32 30.58
CA ASP A 311 1.71 -14.38 31.87
C ASP A 311 2.52 -13.12 32.17
N GLU A 312 2.92 -12.36 31.14
CA GLU A 312 3.65 -11.12 31.37
C GLU A 312 2.75 -10.06 31.97
N ILE A 313 1.53 -9.97 31.46
CA ILE A 313 0.59 -8.98 31.98
C ILE A 313 0.02 -9.44 33.32
N PHE A 314 -0.07 -10.75 33.54
CA PHE A 314 -0.56 -11.23 34.82
C PHE A 314 0.52 -11.18 35.91
N ASP A 315 1.58 -11.97 35.76
CA ASP A 315 2.69 -11.99 36.72
C ASP A 315 4.00 -11.83 35.94
N GLY A 316 4.24 -10.63 35.45
CA GLY A 316 5.46 -10.35 34.70
C GLY A 316 6.03 -8.98 34.98
N TYR A 317 5.35 -8.21 35.81
CA TYR A 317 5.79 -6.88 36.22
C TYR A 317 5.64 -6.73 37.73
N MET A 318 6.56 -5.99 38.33
CA MET A 318 6.46 -5.68 39.74
C MET A 318 5.42 -4.59 39.97
N PRO A 319 4.48 -4.78 40.89
CA PRO A 319 3.49 -3.74 41.16
C PRO A 319 4.14 -2.46 41.65
N HIS A 320 3.46 -1.35 41.41
CA HIS A 320 3.99 -0.05 41.79
C HIS A 320 4.11 0.06 43.30
N PRO A 321 5.28 0.43 43.84
CA PRO A 321 5.45 0.46 45.29
C PRO A 321 4.63 1.54 45.99
N GLY A 322 4.14 2.53 45.26
CA GLY A 322 3.38 3.61 45.86
C GLY A 322 1.89 3.34 45.91
N THR A 323 1.33 2.79 44.83
CA THR A 323 -0.10 2.54 44.74
C THR A 323 -0.49 1.08 44.75
N GLY A 324 0.44 0.17 44.43
CA GLY A 324 0.12 -1.24 44.37
C GLY A 324 -0.53 -1.70 43.09
N LYS A 325 -0.66 -0.83 42.10
CA LYS A 325 -1.22 -1.24 40.82
C LYS A 325 -0.25 -2.13 40.07
N ASP A 326 -0.79 -3.19 39.47
CA ASP A 326 0.00 -4.09 38.64
C ASP A 326 -0.18 -3.70 37.17
N ALA A 327 0.20 -4.60 36.26
CA ALA A 327 0.08 -4.29 34.84
C ALA A 327 -1.37 -4.20 34.40
N LEU A 328 -2.21 -5.14 34.85
CA LEU A 328 -3.60 -5.16 34.42
C LEU A 328 -4.33 -3.90 34.84
N ASP A 329 -4.08 -3.41 36.06
CA ASP A 329 -4.75 -2.20 36.52
C ASP A 329 -4.33 -0.98 35.72
N ILE A 330 -3.04 -0.87 35.40
CA ILE A 330 -2.55 0.26 34.62
C ILE A 330 -3.14 0.22 33.21
N MET A 331 -3.16 -0.96 32.59
CA MET A 331 -3.64 -1.06 31.22
C MET A 331 -5.15 -0.90 31.12
N MET A 332 -5.90 -1.37 32.12
CA MET A 332 -7.35 -1.37 32.04
C MET A 332 -7.91 0.05 32.02
N PHE A 333 -7.28 0.98 32.72
CA PHE A 333 -7.72 2.37 32.74
C PHE A 333 -7.01 3.24 31.72
N HIS A 334 -6.15 2.66 30.88
CA HIS A 334 -5.37 3.45 29.95
C HIS A 334 -6.16 3.77 28.69
N GLN A 335 -5.88 4.95 28.12
CA GLN A 335 -6.58 5.39 26.92
C GLN A 335 -6.31 4.49 25.72
N PHE A 336 -5.13 3.84 25.70
CA PHE A 336 -4.78 2.93 24.62
C PHE A 336 -4.66 1.48 25.07
N GLY A 337 -4.50 1.22 26.36
CA GLY A 337 -4.33 -0.13 26.85
C GLY A 337 -5.63 -0.86 27.13
N ASN A 338 -6.71 -0.09 27.30
CA ASN A 338 -8.02 -0.72 27.52
C ASN A 338 -8.45 -1.53 26.31
N TYR A 339 -8.08 -1.10 25.11
CA TYR A 339 -8.37 -1.90 23.92
C TYR A 339 -7.61 -3.21 23.96
N VAL A 340 -6.36 -3.18 24.44
CA VAL A 340 -5.61 -4.42 24.61
C VAL A 340 -6.31 -5.34 25.61
N VAL A 341 -6.77 -4.77 26.73
CA VAL A 341 -7.48 -5.57 27.73
C VAL A 341 -8.75 -6.17 27.15
N GLN A 342 -9.47 -5.41 26.33
CA GLN A 342 -10.67 -5.92 25.69
C GLN A 342 -10.34 -7.04 24.72
N CYS A 343 -9.23 -6.92 24.00
CA CYS A 343 -8.80 -8.00 23.10
C CYS A 343 -8.48 -9.27 23.88
N MET A 344 -7.79 -9.11 25.02
CA MET A 344 -7.47 -10.26 25.86
C MET A 344 -8.74 -10.91 26.38
N LEU A 345 -9.73 -10.10 26.76
CA LEU A 345 -11.02 -10.64 27.19
C LEU A 345 -11.72 -11.38 26.06
N THR A 346 -11.64 -10.85 24.84
CA THR A 346 -12.34 -11.43 23.70
C THR A 346 -11.74 -12.78 23.32
N ILE A 347 -10.42 -12.91 23.33
CA ILE A 347 -9.83 -14.20 22.93
C ILE A 347 -10.23 -15.29 23.92
N CYS A 348 -10.34 -14.95 25.21
CA CYS A 348 -10.75 -15.93 26.19
C CYS A 348 -12.23 -16.26 26.07
N CYS A 349 -13.06 -15.25 25.82
CA CYS A 349 -14.49 -15.53 25.62
C CYS A 349 -14.73 -16.34 24.35
N ASP A 350 -13.84 -16.23 23.37
CA ASP A 350 -13.99 -17.00 22.14
C ASP A 350 -13.47 -18.42 22.28
N ALA A 351 -12.40 -18.63 23.07
CA ALA A 351 -11.85 -19.97 23.20
C ALA A 351 -12.76 -20.86 24.04
N VAL A 352 -13.35 -20.32 25.11
CA VAL A 352 -14.21 -21.13 25.98
C VAL A 352 -15.55 -21.43 25.35
N SER A 353 -15.88 -20.81 24.22
CA SER A 353 -17.14 -21.04 23.53
C SER A 353 -17.01 -22.04 22.38
N GLY A 354 -15.93 -21.95 21.60
CA GLY A 354 -15.74 -22.87 20.50
C GLY A 354 -15.12 -22.19 19.28
N ARG A 355 -14.83 -20.90 19.39
CA ARG A 355 -14.23 -20.16 18.30
C ARG A 355 -12.73 -20.40 18.16
N ARG A 356 -12.08 -20.90 19.21
CA ARG A 356 -10.64 -21.09 19.20
C ARG A 356 -10.30 -22.29 20.06
N GLN A 357 -9.23 -23.00 19.67
CA GLN A 357 -8.76 -24.15 20.44
C GLN A 357 -7.28 -24.01 20.77
N HIS A 365 -4.06 -25.75 24.62
CA HIS A 365 -4.32 -25.76 26.05
C HIS A 365 -5.62 -25.02 26.37
N ALA A 366 -6.68 -25.79 26.65
CA ALA A 366 -7.99 -25.20 26.86
C ALA A 366 -8.19 -24.72 28.30
N ASN A 367 -7.56 -25.39 29.27
CA ASN A 367 -7.75 -25.00 30.66
C ASN A 367 -7.07 -23.68 30.99
N SER A 368 -5.93 -23.39 30.33
CA SER A 368 -5.26 -22.12 30.54
C SER A 368 -6.17 -20.94 30.19
N PHE A 369 -7.02 -21.09 29.18
CA PHE A 369 -7.97 -20.03 28.86
C PHE A 369 -9.00 -19.86 29.96
N GLN A 370 -9.44 -20.96 30.57
CA GLN A 370 -10.31 -20.86 31.75
C GLN A 370 -9.62 -20.07 32.85
N VAL A 371 -8.36 -20.37 33.14
CA VAL A 371 -7.66 -19.66 34.21
C VAL A 371 -7.53 -18.18 33.89
N TRP A 372 -7.13 -17.88 32.64
CA TRP A 372 -6.94 -16.48 32.24
C TRP A 372 -8.26 -15.71 32.30
N LEU A 373 -9.34 -16.30 31.77
CA LEU A 373 -10.63 -15.63 31.80
C LEU A 373 -11.13 -15.47 33.22
N LYS A 374 -10.85 -16.42 34.11
CA LYS A 374 -11.28 -16.24 35.50
C LYS A 374 -10.52 -15.10 36.17
N LYS A 375 -9.21 -14.99 35.90
CA LYS A 375 -8.44 -13.85 36.41
C LYS A 375 -9.02 -12.53 35.91
N LEU A 376 -9.22 -12.42 34.60
CA LEU A 376 -9.72 -11.18 34.03
C LEU A 376 -11.14 -10.86 34.51
N HIS A 377 -11.98 -11.89 34.62
CA HIS A 377 -13.35 -11.70 35.10
C HIS A 377 -13.35 -11.24 36.55
N SER A 378 -12.46 -11.79 37.37
CA SER A 378 -12.29 -11.28 38.73
C SER A 378 -11.93 -9.79 38.71
N ARG A 379 -10.97 -9.42 37.87
CA ARG A 379 -10.53 -8.04 37.83
C ARG A 379 -11.67 -7.10 37.40
N VAL A 380 -12.48 -7.52 36.43
CA VAL A 380 -13.55 -6.65 35.93
C VAL A 380 -14.68 -6.58 36.94
N THR A 381 -15.10 -7.74 37.47
CA THR A 381 -16.18 -7.76 38.46
C THR A 381 -15.81 -6.98 39.71
N LYS A 382 -14.51 -6.89 40.01
CA LYS A 382 -14.07 -6.21 41.22
C LYS A 382 -14.34 -4.70 41.13
N GLU A 383 -13.96 -4.08 40.02
CA GLU A 383 -14.08 -2.63 39.86
C GLU A 383 -15.25 -2.24 38.97
N ARG A 384 -16.42 -2.89 39.15
CA ARG A 384 -17.54 -2.66 38.24
C ARG A 384 -17.96 -1.20 38.21
N HIS A 385 -17.73 -0.46 39.29
CA HIS A 385 -18.10 0.95 39.33
C HIS A 385 -17.30 1.76 38.31
N ARG A 386 -15.98 1.78 38.47
CA ARG A 386 -15.12 2.59 37.61
C ARG A 386 -15.29 2.20 36.15
N LEU A 387 -15.31 0.89 35.87
CA LEU A 387 -15.53 0.45 34.50
C LEU A 387 -16.91 0.85 33.98
N SER A 388 -17.91 0.89 34.86
CA SER A 388 -19.23 1.37 34.45
C SER A 388 -19.22 2.86 34.18
N ARG A 389 -18.26 3.59 34.74
CA ARG A 389 -18.13 5.02 34.42
C ARG A 389 -17.70 5.25 32.98
N PHE A 390 -17.05 4.27 32.35
CA PHE A 390 -16.49 4.42 31.01
C PHE A 390 -17.24 3.57 30.00
N SER A 391 -16.99 3.84 28.72
CA SER A 391 -17.54 3.03 27.64
C SER A 391 -16.73 1.74 27.44
N SER A 392 -15.42 1.79 27.72
CA SER A 392 -14.60 0.59 27.63
C SER A 392 -15.11 -0.50 28.56
N GLY A 393 -15.29 -0.17 29.84
CA GLY A 393 -15.85 -1.14 30.77
C GLY A 393 -17.25 -1.58 30.40
N LYS A 394 -18.03 -0.67 29.80
CA LYS A 394 -19.33 -1.05 29.27
C LYS A 394 -19.20 -2.17 28.24
N LYS A 395 -18.22 -2.06 27.34
CA LYS A 395 -17.99 -3.12 26.37
C LYS A 395 -17.37 -4.37 27.00
N MET A 396 -16.66 -4.22 28.11
CA MET A 396 -16.10 -5.37 28.81
C MET A 396 -17.20 -6.21 29.45
N ILE A 397 -18.09 -5.57 30.20
CA ILE A 397 -19.10 -6.30 30.95
C ILE A 397 -20.02 -7.08 30.01
N GLU A 398 -20.36 -6.48 28.87
CA GLU A 398 -21.20 -7.19 27.90
C GLU A 398 -20.48 -8.41 27.34
N THR A 399 -19.17 -8.28 27.05
CA THR A 399 -18.41 -9.42 26.58
C THR A 399 -18.39 -10.54 27.63
N LEU A 400 -18.34 -10.17 28.91
CA LEU A 400 -18.38 -11.19 29.95
C LEU A 400 -19.75 -11.87 30.00
N ALA A 401 -20.82 -11.11 29.78
CA ALA A 401 -22.17 -11.67 29.81
C ALA A 401 -22.45 -12.48 28.55
N GLY A 444 1.05 10.28 28.13
CA GLY A 444 0.95 9.66 29.45
C GLY A 444 1.30 8.19 29.43
N ASN A 445 2.48 7.86 29.94
CA ASN A 445 2.98 6.49 29.96
C ASN A 445 3.45 6.16 31.37
N LEU A 446 2.87 5.11 31.95
CA LEU A 446 3.19 4.67 33.31
C LEU A 446 3.70 3.24 33.23
N ARG A 447 5.01 3.07 33.34
CA ARG A 447 5.65 1.77 33.25
C ARG A 447 5.92 1.18 34.63
N LEU A 448 6.27 -0.09 34.64
CA LEU A 448 6.57 -0.82 35.87
C LEU A 448 7.89 -1.57 35.71
N MET A 449 8.39 -2.09 36.82
CA MET A 449 9.61 -2.88 36.83
C MET A 449 9.29 -4.35 36.58
N ARG A 450 10.13 -4.99 35.76
CA ARG A 450 9.92 -6.40 35.44
C ARG A 450 10.19 -7.27 36.66
N THR A 451 9.42 -8.36 36.76
CA THR A 451 9.60 -9.33 37.84
C THR A 451 10.97 -9.98 37.80
#